data_4UFE
#
_entry.id   4UFE
#
_cell.length_a   70.006
_cell.length_b   71.360
_cell.length_c   72.524
_cell.angle_alpha   90.00
_cell.angle_beta   100.50
_cell.angle_gamma   90.00
#
_symmetry.space_group_name_H-M   'C 1 2 1'
#
loop_
_entity.id
_entity.type
_entity.pdbx_description
1 polymer 'THROMBIN HEAVY CHAIN'
2 polymer 'HIRUDIN VARIANT-2'
3 polymer 'THROMBIN LIGHT CHAIN'
4 non-polymer 'SODIUM ION'
5 non-polymer (2R)-N-[(2S)-1-[(4-carbamimidoylphenyl)methylamino]-1-oxidanylidene-propan-2-yl]-3-phenyl-2-[(phenylmethyl)sulfonylamino]propanamide
6 non-polymer 'PHOSPHATE ION'
7 non-polymer 2-acetamido-2-deoxy-beta-D-glucopyranose
8 water water
#
loop_
_entity_poly.entity_id
_entity_poly.type
_entity_poly.pdbx_seq_one_letter_code
_entity_poly.pdbx_strand_id
1 'polypeptide(L)'
;IVEGSDAEIGMSPWQVMLFRKSPQELLCGASLISDRWVLTAAHCLLYPPWDKNFTENDLLVRIGKHSRTRYERNIEKISM
LEKIYIHPRYNWRENLDRDIALMKLKKPVAFSDYIHPVCLPDRETAASLLQAGYKGRVTGWGNLKETWTANVGKGQPSVL
QVVNLPIVERPVCKDSTRIRITDNMFCAGYKPDEGKRGDACEGDSGGPFVMKSPFNNRWYQMGIVSWGEGCDRDGKYGFY
THVFRLKKWIQKVIDQFG
;
H
2 'polypeptide(L)' GDFEEIPEE(TYS)LQ I
3 'polypeptide(L)' EADCGLRPLFEKKSLEDKTERELLESYID L
#
# COMPACT_ATOMS: atom_id res chain seq x y z
N ILE A 1 5.04 -10.05 0.85
CA ILE A 1 3.83 -10.66 1.42
C ILE A 1 4.08 -12.11 1.78
N VAL A 2 3.83 -12.46 3.04
CA VAL A 2 4.01 -13.83 3.52
C VAL A 2 2.67 -14.56 3.55
N GLU A 3 2.65 -15.78 3.04
CA GLU A 3 1.45 -16.63 3.00
C GLU A 3 0.27 -16.01 2.25
N GLY A 4 0.57 -15.21 1.22
CA GLY A 4 -0.44 -14.70 0.31
C GLY A 4 -0.48 -15.50 -0.98
N SER A 5 -1.05 -14.92 -2.02
CA SER A 5 -1.14 -15.61 -3.31
C SER A 5 -0.85 -14.64 -4.45
N ASP A 6 -0.66 -15.19 -5.66
CA ASP A 6 -0.50 -14.34 -6.84
C ASP A 6 -1.74 -13.48 -7.08
N ALA A 7 -1.52 -12.18 -7.28
CA ALA A 7 -2.61 -11.29 -7.71
C ALA A 7 -3.18 -11.73 -9.06
N GLU A 8 -4.47 -11.45 -9.28
CA GLU A 8 -5.05 -11.56 -10.60
C GLU A 8 -4.66 -10.35 -11.44
N ILE A 9 -4.69 -10.47 -12.76
CA ILE A 9 -4.41 -9.34 -13.63
C ILE A 9 -5.42 -8.21 -13.37
N GLY A 10 -4.92 -7.01 -13.12
CA GLY A 10 -5.77 -5.86 -12.90
C GLY A 10 -6.52 -5.86 -11.58
N MET A 11 -6.09 -6.72 -10.66
CA MET A 11 -6.75 -6.84 -9.35
C MET A 11 -6.53 -5.62 -8.48
N SER A 12 -5.38 -4.99 -8.65
CA SER A 12 -4.99 -3.86 -7.81
CA SER A 12 -4.99 -3.85 -7.81
C SER A 12 -4.36 -2.78 -8.69
N PRO A 13 -5.18 -2.13 -9.53
CA PRO A 13 -4.64 -1.24 -10.54
C PRO A 13 -4.11 0.07 -9.99
N TRP A 14 -4.30 0.29 -8.69
CA TRP A 14 -3.70 1.42 -7.99
C TRP A 14 -2.32 1.09 -7.41
N GLN A 15 -1.90 -0.17 -7.51
CA GLN A 15 -0.60 -0.59 -7.01
CA GLN A 15 -0.61 -0.52 -6.92
C GLN A 15 0.52 0.17 -7.69
N VAL A 16 1.45 0.72 -6.91
CA VAL A 16 2.61 1.42 -7.48
C VAL A 16 3.85 0.78 -6.91
N MET A 17 4.88 0.67 -7.75
CA MET A 17 6.21 0.28 -7.30
C MET A 17 7.13 1.49 -7.23
N LEU A 18 7.71 1.71 -6.07
CA LEU A 18 8.77 2.70 -5.91
CA LEU A 18 8.76 2.71 -5.91
C LEU A 18 10.07 2.03 -6.26
N PHE A 19 10.76 2.56 -7.27
CA PHE A 19 11.92 1.90 -7.85
C PHE A 19 13.15 2.79 -7.76
N ARG A 20 14.22 2.26 -7.17
CA ARG A 20 15.48 2.96 -7.06
C ARG A 20 16.20 2.91 -8.39
N LYS A 21 16.71 4.05 -8.84
CA LYS A 21 17.39 4.13 -10.13
C LYS A 21 18.73 3.41 -10.09
N SER A 22 19.51 3.68 -9.05
CA SER A 22 20.85 3.11 -8.96
C SER A 22 21.23 2.85 -7.51
N PRO A 23 21.42 1.56 -7.15
CA PRO A 23 21.23 0.38 -8.01
C PRO A 23 19.75 0.14 -8.30
N GLN A 24 19.45 -0.47 -9.45
CA GLN A 24 18.07 -0.74 -9.82
C GLN A 24 17.49 -1.80 -8.89
N GLU A 25 16.52 -1.40 -8.06
CA GLU A 25 15.94 -2.33 -7.10
C GLU A 25 14.59 -1.83 -6.59
N LEU A 26 13.79 -2.75 -6.06
CA LEU A 26 12.54 -2.39 -5.39
C LEU A 26 12.84 -1.60 -4.14
N LEU A 27 12.21 -0.45 -3.99
CA LEU A 27 12.34 0.29 -2.74
C LEU A 27 11.14 0.09 -1.83
N CYS A 28 9.94 0.17 -2.40
CA CYS A 28 8.73 0.15 -1.61
C CYS A 28 7.52 0.01 -2.51
N GLY A 29 6.38 -0.26 -1.90
CA GLY A 29 5.11 -0.12 -2.58
C GLY A 29 4.58 1.28 -2.35
N ALA A 30 3.45 1.56 -2.98
CA ALA A 30 2.82 2.89 -2.98
C ALA A 30 1.47 2.71 -3.67
N SER A 31 0.68 3.78 -3.72
CA SER A 31 -0.63 3.67 -4.35
C SER A 31 -0.96 4.91 -5.18
N LEU A 32 -1.77 4.71 -6.22
CA LEU A 32 -2.18 5.81 -7.08
C LEU A 32 -3.49 6.37 -6.57
N ILE A 33 -3.53 7.67 -6.25
CA ILE A 33 -4.78 8.23 -5.74
C ILE A 33 -5.38 9.29 -6.66
N SER A 34 -4.65 9.68 -7.69
CA SER A 34 -5.16 10.53 -8.77
C SER A 34 -4.20 10.42 -9.94
N ASP A 35 -4.40 11.15 -11.02
CA ASP A 35 -3.48 10.99 -12.14
C ASP A 35 -2.12 11.63 -11.90
N ARG A 36 -1.98 12.40 -10.82
CA ARG A 36 -0.75 13.11 -10.54
C ARG A 36 -0.17 12.80 -9.14
N TRP A 37 -0.92 12.08 -8.30
CA TRP A 37 -0.50 11.90 -6.91
C TRP A 37 -0.39 10.45 -6.49
N VAL A 38 0.71 10.14 -5.81
CA VAL A 38 0.99 8.80 -5.31
C VAL A 38 1.20 8.84 -3.79
N LEU A 39 0.59 7.90 -3.09
CA LEU A 39 0.67 7.80 -1.63
C LEU A 39 1.65 6.70 -1.21
N THR A 40 2.44 6.94 -0.18
CA THR A 40 3.34 5.90 0.32
C THR A 40 3.62 6.11 1.81
N ALA A 41 4.47 5.27 2.39
CA ALA A 41 4.94 5.44 3.76
C ALA A 41 6.14 6.40 3.78
N ALA A 42 6.16 7.31 4.76
CA ALA A 42 7.31 8.21 4.92
C ALA A 42 8.61 7.44 5.07
N HIS A 43 8.58 6.30 5.77
CA HIS A 43 9.85 5.64 6.05
C HIS A 43 10.48 5.01 4.80
N CYS A 44 9.69 4.89 3.72
CA CYS A 44 10.21 4.51 2.41
C CYS A 44 11.15 5.55 1.84
N LEU A 45 10.97 6.81 2.27
CA LEU A 45 11.73 7.93 1.72
C LEU A 45 12.71 8.50 2.73
N LEU A 46 12.34 8.45 4.00
CA LEU A 46 13.16 9.04 5.04
C LEU A 46 13.21 8.16 6.28
N TYR A 47 14.38 7.62 6.57
CA TYR A 47 14.57 6.86 7.80
C TYR A 47 16.03 6.91 8.19
N PRO A 48 16.41 7.96 8.94
CA PRO A 48 17.80 8.15 9.35
C PRO A 48 18.50 6.98 10.05
N PRO A 49 17.79 6.16 10.86
CA PRO A 49 18.51 5.04 11.49
C PRO A 49 19.13 4.08 10.48
N TRP A 50 18.60 4.04 9.27
CA TRP A 50 19.15 3.19 8.21
C TRP A 50 19.83 4.00 7.11
N ASP A 51 20.19 5.24 7.44
CA ASP A 51 20.81 6.16 6.48
C ASP A 51 20.00 6.32 5.20
N LYS A 52 18.68 6.29 5.33
CA LYS A 52 17.80 6.47 4.18
C LYS A 52 17.26 7.90 4.11
N ASN A 53 17.50 8.56 2.99
CA ASN A 53 16.97 9.89 2.76
C ASN A 53 16.96 10.17 1.29
N PHE A 54 15.95 9.66 0.61
CA PHE A 54 15.91 9.80 -0.85
C PHE A 54 15.40 11.17 -1.28
N THR A 55 15.95 11.66 -2.37
CA THR A 55 15.42 12.86 -3.00
C THR A 55 14.69 12.46 -4.28
N GLU A 56 13.99 13.40 -4.91
CA GLU A 56 13.14 13.09 -6.06
C GLU A 56 13.89 12.35 -7.18
N ASN A 57 15.08 12.82 -7.52
CA ASN A 57 15.78 12.27 -8.67
C ASN A 57 16.36 10.87 -8.44
N ASP A 58 16.32 10.41 -7.20
CA ASP A 58 16.81 9.07 -6.86
C ASP A 58 15.85 7.98 -7.31
N LEU A 59 14.59 8.35 -7.55
CA LEU A 59 13.51 7.38 -7.65
C LEU A 59 12.69 7.46 -8.93
N LEU A 60 12.05 6.34 -9.24
CA LEU A 60 11.02 6.28 -10.26
C LEU A 60 9.79 5.63 -9.69
N VAL A 61 8.65 5.95 -10.29
CA VAL A 61 7.40 5.33 -9.93
C VAL A 61 6.97 4.45 -11.11
N ARG A 62 6.64 3.18 -10.83
CA ARG A 62 6.23 2.26 -11.88
C ARG A 62 4.80 1.79 -11.60
N ILE A 63 3.91 2.08 -12.55
CA ILE A 63 2.48 1.92 -12.35
C ILE A 63 1.94 0.92 -13.36
N GLY A 64 0.95 0.14 -12.96
CA GLY A 64 0.35 -0.86 -13.82
C GLY A 64 1.08 -2.18 -13.85
N LYS A 65 1.96 -2.44 -12.89
CA LYS A 65 2.79 -3.62 -12.91
C LYS A 65 2.13 -4.86 -12.33
N HIS A 66 2.61 -6.01 -12.79
CA HIS A 66 2.24 -7.30 -12.25
C HIS A 66 3.52 -8.06 -11.90
N SER A 67 4.33 -8.34 -12.91
CA SER A 67 5.64 -8.93 -12.70
C SER A 67 6.50 -8.02 -11.81
N ARG A 68 7.22 -8.61 -10.87
CA ARG A 68 8.14 -7.83 -10.03
C ARG A 68 9.32 -7.28 -10.84
N THR A 69 10.00 -8.15 -11.59
CA THR A 69 11.28 -7.77 -12.18
C THR A 69 11.25 -7.41 -13.66
N ARG A 70 10.22 -7.86 -14.37
N ARG A 70 10.22 -7.85 -14.38
CA ARG A 70 10.13 -7.65 -15.82
CA ARG A 70 10.21 -7.65 -15.83
C ARG A 70 9.84 -6.18 -16.15
C ARG A 70 9.79 -6.23 -16.19
N TYR A 71 10.31 -5.73 -17.31
CA TYR A 71 9.83 -4.48 -17.85
C TYR A 71 8.59 -4.82 -18.69
N GLU A 72 7.43 -4.43 -18.19
CA GLU A 72 6.17 -4.87 -18.76
C GLU A 72 5.72 -3.91 -19.87
N ARG A 73 6.42 -4.05 -20.99
CA ARG A 73 6.25 -3.24 -22.18
C ARG A 73 4.78 -3.16 -22.59
N ASN A 74 4.31 -1.93 -22.87
CA ASN A 74 2.92 -1.65 -23.31
C ASN A 74 1.88 -1.78 -22.19
N ILE A 75 2.33 -2.02 -20.96
CA ILE A 75 1.42 -2.22 -19.85
C ILE A 75 1.77 -1.27 -18.73
N GLU A 76 2.97 -1.39 -18.20
CA GLU A 76 3.35 -0.49 -17.12
C GLU A 76 3.71 0.86 -17.70
N LYS A 77 3.60 1.87 -16.83
CA LYS A 77 4.02 3.23 -17.14
C LYS A 77 4.97 3.70 -16.06
N ILE A 78 6.03 4.39 -16.48
CA ILE A 78 7.06 4.82 -15.55
C ILE A 78 7.07 6.35 -15.46
N SER A 79 6.97 6.86 -14.23
CA SER A 79 6.81 8.29 -14.01
C SER A 79 7.95 8.84 -13.17
N MET A 80 8.35 10.08 -13.47
CA MET A 80 9.34 10.76 -12.66
C MET A 80 8.66 11.59 -11.58
N LEU A 81 9.39 11.82 -10.48
CA LEU A 81 8.84 12.57 -9.35
C LEU A 81 9.12 14.06 -9.49
N GLU A 82 8.07 14.86 -9.31
CA GLU A 82 8.23 16.30 -9.25
C GLU A 82 8.61 16.72 -7.83
N LYS A 83 7.91 16.19 -6.84
CA LYS A 83 8.13 16.58 -5.45
C LYS A 83 7.65 15.54 -4.46
N ILE A 84 8.43 15.36 -3.41
CA ILE A 84 8.09 14.52 -2.27
C ILE A 84 7.58 15.40 -1.14
N TYR A 85 6.50 14.97 -0.49
CA TYR A 85 5.97 15.63 0.70
C TYR A 85 5.86 14.63 1.82
N ILE A 86 6.64 14.83 2.88
CA ILE A 86 6.58 13.96 4.04
C ILE A 86 5.78 14.64 5.15
N HIS A 87 4.99 13.89 5.90
CA HIS A 87 4.22 14.48 6.99
C HIS A 87 5.15 15.22 7.93
N PRO A 88 4.82 16.48 8.27
CA PRO A 88 5.71 17.28 9.11
C PRO A 88 5.89 16.71 10.52
N ARG A 89 4.99 15.86 10.96
CA ARG A 89 5.12 15.28 12.31
C ARG A 89 5.35 13.76 12.23
N TYR A 90 5.81 13.29 11.08
CA TYR A 90 6.29 11.92 10.96
C TYR A 90 7.36 11.65 12.01
N ASN A 91 7.13 10.62 12.82
CA ASN A 91 8.04 10.28 13.93
C ASN A 91 8.96 9.12 13.56
N TRP A 92 10.08 9.44 12.93
CA TRP A 92 11.03 8.38 12.58
C TRP A 92 11.92 8.03 13.77
N ARG A 93 11.94 8.89 14.79
CA ARG A 93 12.83 8.64 15.91
CA ARG A 93 12.83 8.66 15.94
C ARG A 93 12.34 7.52 16.82
N GLU A 94 11.02 7.36 16.92
CA GLU A 94 10.49 6.44 17.92
C GLU A 94 9.69 5.27 17.34
N ASN A 95 8.50 5.55 16.80
CA ASN A 95 7.54 4.48 16.51
C ASN A 95 6.85 4.58 15.16
N LEU A 96 7.41 5.38 14.26
CA LEU A 96 6.84 5.61 12.93
C LEU A 96 5.43 6.22 12.99
N ASP A 97 5.15 6.99 14.03
CA ASP A 97 3.86 7.69 14.08
C ASP A 97 3.73 8.60 12.86
N ARG A 98 2.55 8.58 12.23
CA ARG A 98 2.24 9.37 11.01
C ARG A 98 3.16 8.99 9.85
N ASP A 99 3.25 7.69 9.59
CA ASP A 99 4.13 7.16 8.56
C ASP A 99 3.48 7.33 7.19
N ILE A 100 3.56 8.54 6.64
CA ILE A 100 2.83 8.85 5.41
C ILE A 100 3.57 9.92 4.61
N ALA A 101 3.55 9.78 3.29
CA ALA A 101 4.18 10.74 2.41
C ALA A 101 3.42 10.76 1.11
N LEU A 102 3.44 11.91 0.44
CA LEU A 102 2.88 12.05 -0.90
C LEU A 102 3.97 12.33 -1.91
N MET A 103 3.77 11.85 -3.14
CA MET A 103 4.68 12.15 -4.23
C MET A 103 3.87 12.70 -5.38
N LYS A 104 4.22 13.88 -5.87
CA LYS A 104 3.57 14.41 -7.06
C LYS A 104 4.37 14.03 -8.31
N LEU A 105 3.69 13.50 -9.32
CA LEU A 105 4.35 13.13 -10.57
C LEU A 105 4.60 14.32 -11.47
N LYS A 106 5.66 14.26 -12.28
CA LYS A 106 5.96 15.35 -13.19
C LYS A 106 4.87 15.52 -14.25
N LYS A 107 4.30 14.40 -14.68
CA LYS A 107 3.26 14.39 -15.71
C LYS A 107 2.15 13.44 -15.29
N PRO A 108 0.91 13.74 -15.68
CA PRO A 108 -0.19 12.84 -15.35
C PRO A 108 -0.02 11.47 -16.00
N VAL A 109 -0.41 10.41 -15.31
CA VAL A 109 -0.33 9.07 -15.87
C VAL A 109 -1.66 8.74 -16.55
N ALA A 110 -1.59 8.09 -17.70
CA ALA A 110 -2.78 7.67 -18.42
C ALA A 110 -3.41 6.45 -17.76
N PHE A 111 -4.70 6.54 -17.46
CA PHE A 111 -5.41 5.40 -16.87
C PHE A 111 -5.63 4.35 -17.95
N SER A 112 -5.71 3.09 -17.54
CA SER A 112 -5.88 1.98 -18.46
C SER A 112 -6.54 0.83 -17.72
N ASP A 113 -6.65 -0.35 -18.36
CA ASP A 113 -7.15 -1.52 -17.65
C ASP A 113 -6.32 -1.88 -16.41
N TYR A 114 -5.05 -1.47 -16.42
CA TYR A 114 -4.07 -1.88 -15.41
C TYR A 114 -3.72 -0.75 -14.45
N ILE A 115 -4.24 0.43 -14.73
CA ILE A 115 -3.85 1.65 -14.04
C ILE A 115 -5.08 2.50 -13.69
N HIS A 116 -5.36 2.65 -12.40
CA HIS A 116 -6.61 3.28 -11.96
C HIS A 116 -6.49 3.65 -10.50
N PRO A 117 -6.99 4.84 -10.11
CA PRO A 117 -6.78 5.25 -8.72
C PRO A 117 -7.74 4.59 -7.74
N VAL A 118 -7.26 4.45 -6.50
CA VAL A 118 -8.06 3.97 -5.38
C VAL A 118 -8.73 5.18 -4.71
N CYS A 119 -9.86 4.97 -4.04
CA CYS A 119 -10.49 6.02 -3.23
C CYS A 119 -9.83 6.18 -1.89
N LEU A 120 -9.87 7.41 -1.38
CA LEU A 120 -9.53 7.66 0.02
C LEU A 120 -10.83 7.77 0.80
N PRO A 121 -10.83 7.21 2.02
CA PRO A 121 -12.07 7.15 2.81
C PRO A 121 -12.52 8.50 3.36
N ASP A 122 -13.83 8.68 3.40
CA ASP A 122 -14.46 9.73 4.19
C ASP A 122 -14.63 9.23 5.61
N ARG A 123 -15.04 10.12 6.52
CA ARG A 123 -15.25 9.77 7.92
C ARG A 123 -16.22 8.60 8.08
N GLU A 124 -17.30 8.62 7.31
CA GLU A 124 -18.37 7.62 7.47
C GLU A 124 -17.91 6.23 7.02
N THR A 125 -17.24 6.19 5.88
CA THR A 125 -16.72 4.92 5.39
C THR A 125 -15.68 4.38 6.37
N ALA A 126 -14.82 5.26 6.88
CA ALA A 126 -13.85 4.85 7.89
C ALA A 126 -14.52 4.28 9.13
N ALA A 127 -15.52 5.00 9.64
CA ALA A 127 -16.21 4.56 10.85
C ALA A 127 -16.90 3.22 10.63
N SER A 128 -17.50 3.05 9.45
CA SER A 128 -18.24 1.82 9.14
C SER A 128 -17.34 0.60 9.00
N LEU A 129 -16.18 0.77 8.38
CA LEU A 129 -15.38 -0.38 7.98
C LEU A 129 -14.18 -0.68 8.86
N LEU A 130 -13.66 0.32 9.58
CA LEU A 130 -12.48 0.09 10.41
C LEU A 130 -12.88 -0.52 11.73
N GLN A 131 -13.27 -1.78 11.67
CA GLN A 131 -13.77 -2.48 12.84
C GLN A 131 -13.06 -3.80 12.99
N ALA A 132 -12.80 -4.20 14.24
CA ALA A 132 -12.16 -5.48 14.50
C ALA A 132 -12.91 -6.61 13.83
N GLY A 133 -12.17 -7.47 13.14
CA GLY A 133 -12.76 -8.60 12.44
C GLY A 133 -13.00 -8.33 10.96
N TYR A 134 -13.25 -7.07 10.62
CA TYR A 134 -13.43 -6.70 9.22
C TYR A 134 -12.13 -6.88 8.45
N LYS A 135 -12.18 -7.50 7.28
CA LYS A 135 -10.96 -7.78 6.53
C LYS A 135 -10.63 -6.73 5.49
N GLY A 136 -9.34 -6.45 5.35
CA GLY A 136 -8.86 -5.64 4.25
C GLY A 136 -7.90 -6.48 3.44
N ARG A 137 -7.32 -5.87 2.41
CA ARG A 137 -6.44 -6.57 1.49
C ARG A 137 -5.13 -5.82 1.34
N VAL A 138 -4.01 -6.54 1.45
CA VAL A 138 -2.68 -5.94 1.33
C VAL A 138 -2.01 -6.56 0.12
N THR A 139 -1.31 -5.74 -0.66
CA THR A 139 -0.66 -6.20 -1.88
C THR A 139 0.78 -5.70 -1.93
N GLY A 140 1.66 -6.47 -2.54
CA GLY A 140 3.04 -6.00 -2.67
C GLY A 140 4.00 -6.99 -3.29
N TRP A 141 5.20 -6.51 -3.59
CA TRP A 141 6.26 -7.35 -4.17
C TRP A 141 7.36 -7.65 -3.17
N GLY A 142 7.06 -7.47 -1.88
CA GLY A 142 8.05 -7.69 -0.84
C GLY A 142 8.32 -9.16 -0.57
N ASN A 143 9.17 -9.41 0.41
CA ASN A 143 9.58 -10.77 0.76
C ASN A 143 8.45 -11.75 1.03
N LEU A 144 8.65 -12.99 0.60
CA LEU A 144 7.69 -14.06 0.83
C LEU A 144 7.87 -14.68 2.22
N LYS A 145 9.04 -14.45 2.82
CA LYS A 145 9.35 -14.95 4.16
C LYS A 145 10.17 -13.92 4.92
N GLU A 146 10.12 -13.97 6.25
CA GLU A 146 10.88 -13.04 7.07
C GLU A 146 12.37 -13.18 6.79
N THR A 147 12.83 -14.43 6.69
CA THR A 147 14.22 -14.72 6.40
C THR A 147 14.33 -15.80 5.32
N GLY A 155 11.99 -16.69 -1.56
CA GLY A 155 12.60 -15.40 -1.26
C GLY A 155 11.79 -14.22 -1.74
N GLN A 156 11.85 -13.95 -3.03
CA GLN A 156 11.12 -12.83 -3.63
C GLN A 156 10.17 -13.34 -4.72
N PRO A 157 8.97 -12.75 -4.80
CA PRO A 157 7.92 -13.26 -5.71
C PRO A 157 8.16 -12.92 -7.17
N SER A 158 7.65 -13.76 -8.07
CA SER A 158 7.68 -13.45 -9.50
C SER A 158 6.67 -12.35 -9.84
N VAL A 159 5.50 -12.38 -9.21
CA VAL A 159 4.49 -11.37 -9.48
C VAL A 159 3.87 -10.81 -8.20
N LEU A 160 3.09 -9.74 -8.37
CA LEU A 160 2.41 -9.08 -7.27
C LEU A 160 1.70 -10.10 -6.37
N GLN A 161 1.88 -9.97 -5.06
CA GLN A 161 1.22 -10.86 -4.10
C GLN A 161 0.06 -10.16 -3.40
N VAL A 162 -0.91 -10.96 -2.96
CA VAL A 162 -2.11 -10.45 -2.29
CA VAL A 162 -2.09 -10.43 -2.28
C VAL A 162 -2.44 -11.29 -1.06
N VAL A 163 -2.92 -10.65 -0.01
CA VAL A 163 -3.42 -11.39 1.16
C VAL A 163 -4.53 -10.56 1.82
N ASN A 164 -5.59 -11.25 2.24
CA ASN A 164 -6.68 -10.63 2.99
C ASN A 164 -6.46 -10.90 4.47
N LEU A 165 -6.58 -9.85 5.30
CA LEU A 165 -6.27 -9.92 6.74
C LEU A 165 -7.31 -9.16 7.56
N PRO A 166 -7.73 -9.73 8.69
CA PRO A 166 -8.69 -9.03 9.55
C PRO A 166 -8.06 -7.94 10.42
N ILE A 167 -8.75 -6.81 10.53
CA ILE A 167 -8.40 -5.78 11.52
C ILE A 167 -8.52 -6.35 12.92
N VAL A 168 -7.57 -5.99 13.79
CA VAL A 168 -7.49 -6.55 15.14
C VAL A 168 -7.89 -5.51 16.20
N GLU A 169 -8.56 -5.96 17.25
CA GLU A 169 -8.90 -5.13 18.41
C GLU A 169 -7.69 -4.34 18.90
N ARG A 170 -7.86 -3.06 19.20
CA ARG A 170 -6.74 -2.22 19.60
CA ARG A 170 -6.74 -2.23 19.59
C ARG A 170 -6.01 -2.73 20.85
N PRO A 171 -6.73 -3.25 21.87
CA PRO A 171 -5.97 -3.76 23.02
C PRO A 171 -5.08 -4.95 22.67
N VAL A 172 -5.53 -5.79 21.72
CA VAL A 172 -4.73 -6.93 21.28
C VAL A 172 -3.49 -6.43 20.53
N CYS A 173 -3.68 -5.44 19.66
CA CYS A 173 -2.54 -4.80 19.02
C CYS A 173 -1.55 -4.30 20.06
N LYS A 174 -2.05 -3.57 21.04
CA LYS A 174 -1.20 -2.97 22.06
C LYS A 174 -0.44 -4.02 22.85
N ASP A 175 -1.13 -5.12 23.18
CA ASP A 175 -0.54 -6.17 24.01
C ASP A 175 0.42 -7.09 23.25
N SER A 176 0.53 -6.91 21.95
CA SER A 176 1.39 -7.76 21.14
C SER A 176 2.80 -7.20 20.99
N THR A 177 3.05 -6.01 21.52
CA THR A 177 4.29 -5.31 21.22
C THR A 177 4.69 -4.40 22.37
N ARG A 178 5.97 -4.05 22.44
CA ARG A 178 6.43 -3.08 23.43
C ARG A 178 6.49 -1.68 22.82
N ILE A 179 6.34 -1.60 21.50
CA ILE A 179 6.35 -0.32 20.80
C ILE A 179 5.07 0.46 21.13
N ARG A 180 5.20 1.77 21.30
CA ARG A 180 4.04 2.61 21.60
C ARG A 180 3.16 2.80 20.38
N ILE A 181 1.91 2.33 20.48
CA ILE A 181 0.94 2.45 19.40
C ILE A 181 0.18 3.78 19.54
N THR A 182 -0.20 4.37 18.42
CA THR A 182 -0.98 5.62 18.45
C THR A 182 -2.27 5.48 17.66
N ASP A 183 -3.14 6.47 17.80
CA ASP A 183 -4.38 6.51 17.05
C ASP A 183 -4.15 6.62 15.54
N ASN A 184 -2.92 6.94 15.12
CA ASN A 184 -2.63 7.04 13.69
C ASN A 184 -2.18 5.72 13.10
N MET A 185 -2.34 4.65 13.88
CA MET A 185 -2.02 3.29 13.44
C MET A 185 -3.17 2.35 13.71
N PHE A 186 -3.25 1.27 12.94
CA PHE A 186 -4.08 0.14 13.35
C PHE A 186 -3.33 -1.13 13.00
N CYS A 187 -3.75 -2.27 13.54
CA CYS A 187 -3.03 -3.49 13.20
C CYS A 187 -3.98 -4.54 12.64
N ALA A 188 -3.42 -5.48 11.89
CA ALA A 188 -4.22 -6.50 11.22
C ALA A 188 -3.45 -7.81 11.12
N GLY A 189 -4.20 -8.90 11.04
CA GLY A 189 -3.58 -10.20 10.94
C GLY A 189 -4.36 -11.19 11.77
N TYR A 190 -4.12 -12.46 11.52
CA TYR A 190 -4.76 -13.53 12.26
C TYR A 190 -4.09 -13.79 13.60
N LYS A 191 -4.89 -14.20 14.58
CA LYS A 191 -4.39 -14.64 15.87
C LYS A 191 -3.87 -16.06 15.74
N PRO A 192 -2.97 -16.48 16.66
CA PRO A 192 -2.48 -17.86 16.65
C PRO A 192 -3.61 -18.89 16.62
N ASP A 193 -4.67 -18.66 17.37
CA ASP A 193 -5.76 -19.63 17.48
C ASP A 193 -6.64 -19.69 16.23
N GLU A 194 -6.48 -18.72 15.33
CA GLU A 194 -7.37 -18.63 14.18
C GLU A 194 -6.93 -19.49 13.00
N GLY A 195 -5.75 -20.11 13.13
CA GLY A 195 -5.28 -21.03 12.10
C GLY A 195 -4.67 -20.38 10.87
N LYS A 196 -5.43 -19.52 10.20
CA LYS A 196 -4.98 -18.86 8.98
C LYS A 196 -3.79 -17.94 9.27
N ARG A 197 -3.06 -17.59 8.23
CA ARG A 197 -1.83 -16.81 8.37
C ARG A 197 -1.76 -15.70 7.35
N GLY A 198 -0.66 -14.96 7.37
CA GLY A 198 -0.45 -13.92 6.39
C GLY A 198 0.00 -12.60 6.99
N ASP A 199 0.85 -11.89 6.27
CA ASP A 199 1.37 -10.62 6.75
C ASP A 199 2.03 -9.90 5.58
N ALA A 200 2.17 -8.59 5.70
CA ALA A 200 3.12 -7.87 4.86
C ALA A 200 4.52 -8.16 5.37
N CYS A 201 5.53 -7.74 4.62
CA CYS A 201 6.91 -7.96 5.03
C CYS A 201 7.78 -6.87 4.43
N GLU A 202 9.10 -6.92 4.63
CA GLU A 202 9.92 -5.84 4.08
C GLU A 202 9.82 -5.85 2.55
N GLY A 203 9.75 -4.67 1.96
CA GLY A 203 9.52 -4.54 0.53
C GLY A 203 8.08 -4.19 0.24
N ASP A 204 7.16 -4.55 1.14
CA ASP A 204 5.74 -4.22 1.01
C ASP A 204 5.40 -2.84 1.55
N SER A 205 6.32 -2.29 2.33
CA SER A 205 6.18 -0.97 2.94
C SER A 205 5.65 0.06 1.96
N GLY A 206 4.71 0.88 2.42
CA GLY A 206 4.18 1.94 1.60
C GLY A 206 3.02 1.52 0.72
N GLY A 207 2.80 0.21 0.58
CA GLY A 207 1.72 -0.31 -0.22
C GLY A 207 0.40 -0.17 0.53
N PRO A 208 -0.72 -0.41 -0.17
CA PRO A 208 -2.05 -0.13 0.37
C PRO A 208 -2.69 -1.31 1.11
N PHE A 209 -3.40 -0.98 2.19
CA PHE A 209 -4.37 -1.85 2.82
C PHE A 209 -5.74 -1.34 2.39
N VAL A 210 -6.44 -2.12 1.58
CA VAL A 210 -7.71 -1.64 1.00
C VAL A 210 -8.91 -2.47 1.43
N MET A 211 -10.09 -1.85 1.37
CA MET A 211 -11.33 -2.51 1.74
C MET A 211 -12.37 -2.15 0.69
N LYS A 212 -13.25 -3.09 0.36
CA LYS A 212 -14.26 -2.80 -0.64
C LYS A 212 -15.56 -2.47 0.08
N SER A 213 -15.98 -1.22 -0.03
CA SER A 213 -17.20 -0.81 0.66
C SER A 213 -18.40 -1.60 0.17
N PRO A 214 -19.15 -2.21 1.11
CA PRO A 214 -20.35 -2.93 0.71
C PRO A 214 -21.53 -2.01 0.41
N PHE A 215 -21.34 -0.72 0.67
CA PHE A 215 -22.39 0.29 0.45
C PHE A 215 -22.38 0.81 -0.97
N ASN A 216 -21.19 1.03 -1.53
CA ASN A 216 -21.12 1.56 -2.90
C ASN A 216 -20.20 0.77 -3.83
N ASN A 217 -19.70 -0.35 -3.32
CA ASN A 217 -18.86 -1.29 -4.07
C ASN A 217 -17.61 -0.69 -4.69
N ARG A 218 -17.05 0.30 -3.99
CA ARG A 218 -15.79 0.94 -4.37
C ARG A 218 -14.69 0.54 -3.41
N TRP A 219 -13.47 0.42 -3.93
CA TRP A 219 -12.31 0.16 -3.07
C TRP A 219 -11.76 1.42 -2.44
N TYR A 220 -11.53 1.34 -1.13
CA TYR A 220 -10.98 2.44 -0.36
C TYR A 220 -9.67 2.05 0.28
N GLN A 221 -8.71 2.98 0.28
CA GLN A 221 -7.44 2.68 0.95
C GLN A 221 -7.50 3.14 2.40
N MET A 222 -7.52 2.18 3.31
CA MET A 222 -7.70 2.48 4.72
C MET A 222 -6.36 2.58 5.41
N GLY A 223 -5.37 1.88 4.89
CA GLY A 223 -4.09 1.81 5.56
C GLY A 223 -2.89 1.84 4.62
N ILE A 224 -1.73 2.09 5.20
CA ILE A 224 -0.46 2.01 4.46
C ILE A 224 0.43 1.04 5.22
N VAL A 225 1.05 0.10 4.51
CA VAL A 225 1.98 -0.82 5.18
C VAL A 225 3.10 -0.05 5.85
N SER A 226 3.24 -0.20 7.16
CA SER A 226 4.15 0.66 7.94
C SER A 226 5.22 -0.12 8.70
N TRP A 227 4.82 -1.01 9.61
CA TRP A 227 5.81 -1.72 10.39
C TRP A 227 5.29 -3.01 10.99
N GLY A 228 6.23 -3.79 11.52
CA GLY A 228 5.91 -5.08 12.11
C GLY A 228 7.19 -5.67 12.67
N GLU A 229 7.03 -6.55 13.66
CA GLU A 229 8.17 -7.20 14.27
C GLU A 229 8.36 -8.57 13.60
N GLY A 230 9.35 -8.66 12.72
CA GLY A 230 9.46 -9.80 11.84
C GLY A 230 8.34 -9.77 10.81
N CYS A 231 8.03 -10.94 10.25
CA CYS A 231 6.89 -11.10 9.34
C CYS A 231 6.16 -12.41 9.62
N ASP A 232 4.84 -12.33 9.75
CA ASP A 232 3.98 -13.48 9.96
C ASP A 232 4.39 -14.30 11.17
N ARG A 233 4.85 -13.63 12.22
CA ARG A 233 5.15 -14.34 13.46
C ARG A 233 3.86 -14.58 14.23
N ASP A 234 3.75 -15.76 14.85
CA ASP A 234 2.63 -16.01 15.75
C ASP A 234 2.59 -14.96 16.86
N GLY A 235 1.43 -14.35 17.06
CA GLY A 235 1.26 -13.41 18.16
C GLY A 235 1.70 -12.00 17.83
N LYS A 236 2.26 -11.80 16.63
CA LYS A 236 2.57 -10.46 16.15
C LYS A 236 1.55 -10.05 15.09
N TYR A 237 1.46 -8.75 14.83
CA TYR A 237 0.53 -8.22 13.85
C TYR A 237 1.22 -7.17 12.99
N GLY A 238 0.71 -6.99 11.78
CA GLY A 238 1.22 -5.94 10.91
C GLY A 238 0.58 -4.63 11.30
N PHE A 239 1.36 -3.56 11.28
CA PHE A 239 0.82 -2.24 11.61
C PHE A 239 0.78 -1.37 10.39
N TYR A 240 -0.29 -0.57 10.34
CA TYR A 240 -0.66 0.18 9.17
C TYR A 240 -0.95 1.63 9.54
N THR A 241 -0.49 2.55 8.69
CA THR A 241 -0.83 3.95 8.85
C THR A 241 -2.32 4.14 8.63
N HIS A 242 -2.97 4.85 9.55
CA HIS A 242 -4.41 5.09 9.51
C HIS A 242 -4.69 6.24 8.55
N VAL A 243 -5.04 5.93 7.32
CA VAL A 243 -5.14 6.94 6.28
C VAL A 243 -6.19 8.00 6.60
N PHE A 244 -7.37 7.58 7.06
CA PHE A 244 -8.38 8.59 7.33
C PHE A 244 -7.92 9.61 8.39
N ARG A 245 -7.23 9.15 9.43
CA ARG A 245 -6.78 10.05 10.50
C ARG A 245 -5.86 11.13 9.99
N LEU A 246 -5.16 10.87 8.88
CA LEU A 246 -4.23 11.82 8.33
C LEU A 246 -4.74 12.46 7.03
N LYS A 247 -6.02 12.29 6.74
CA LYS A 247 -6.55 12.77 5.46
C LYS A 247 -6.56 14.29 5.39
N LYS A 248 -6.69 14.97 6.52
CA LYS A 248 -6.69 16.44 6.51
C LYS A 248 -5.34 16.95 5.98
N TRP A 249 -4.26 16.28 6.36
CA TRP A 249 -2.94 16.63 5.85
C TRP A 249 -2.84 16.37 4.36
N ILE A 250 -3.32 15.20 3.95
CA ILE A 250 -3.33 14.80 2.54
C ILE A 250 -4.03 15.87 1.71
N GLN A 251 -5.24 16.23 2.14
CA GLN A 251 -6.02 17.22 1.41
C GLN A 251 -5.33 18.59 1.39
N LYS A 252 -4.67 18.94 2.49
CA LYS A 252 -3.95 20.21 2.60
C LYS A 252 -2.80 20.28 1.58
N VAL A 253 -2.04 19.20 1.45
CA VAL A 253 -0.93 19.17 0.50
C VAL A 253 -1.45 19.24 -0.94
N ILE A 254 -2.46 18.44 -1.26
CA ILE A 254 -3.00 18.44 -2.62
C ILE A 254 -3.65 19.79 -2.96
N ASP A 255 -4.35 20.40 -2.00
CA ASP A 255 -5.00 21.69 -2.24
C ASP A 255 -3.98 22.80 -2.49
N GLN A 256 -2.85 22.72 -1.80
CA GLN A 256 -1.83 23.77 -1.89
C GLN A 256 -0.91 23.60 -3.09
N PHE A 257 -0.57 22.34 -3.41
CA PHE A 257 0.48 22.09 -4.40
C PHE A 257 -0.02 21.44 -5.69
N GLY A 258 -1.26 20.97 -5.68
CA GLY A 258 -1.82 20.30 -6.83
C GLY A 258 -2.60 21.23 -7.74
N ASP B 2 18.73 -8.38 -10.73
CA ASP B 2 17.57 -9.27 -10.93
C ASP B 2 16.49 -8.58 -11.74
N PHE B 3 16.58 -7.26 -11.87
CA PHE B 3 15.56 -6.51 -12.60
C PHE B 3 15.94 -6.28 -14.06
N GLU B 4 14.96 -6.46 -14.94
CA GLU B 4 15.14 -6.16 -16.35
C GLU B 4 15.39 -4.67 -16.54
N GLU B 5 16.32 -4.33 -17.42
CA GLU B 5 16.63 -2.94 -17.72
C GLU B 5 15.40 -2.23 -18.26
N ILE B 6 15.19 -0.99 -17.82
CA ILE B 6 14.08 -0.20 -18.32
C ILE B 6 14.58 0.75 -19.41
N PRO B 7 13.69 1.19 -20.31
CA PRO B 7 14.12 2.08 -21.40
C PRO B 7 14.90 3.29 -20.91
N GLU B 8 15.93 3.66 -21.65
CA GLU B 8 16.86 4.72 -21.23
C GLU B 8 16.16 6.06 -21.01
N GLU B 9 15.07 6.27 -21.72
CA GLU B 9 14.36 7.56 -21.65
C GLU B 9 13.93 7.88 -20.23
N LEU B 11 15.60 7.27 -17.58
CA LEU B 11 16.76 7.41 -16.69
C LEU B 11 17.58 8.67 -17.00
N GLN B 12 17.11 9.49 -17.93
CA GLN B 12 17.89 10.62 -18.41
C GLN B 12 17.65 11.89 -17.61
N GLU C 1 -11.13 11.28 -7.39
CA GLU C 1 -11.80 11.17 -8.68
C GLU C 1 -13.16 10.50 -8.53
N ALA C 2 -14.12 10.92 -9.35
CA ALA C 2 -15.47 10.38 -9.31
C ALA C 2 -15.49 8.89 -9.65
N ASP C 3 -14.47 8.42 -10.37
CA ASP C 3 -14.42 7.04 -10.78
C ASP C 3 -13.45 6.19 -9.94
N CYS C 4 -12.98 6.75 -8.82
CA CYS C 4 -11.99 6.04 -8.01
C CYS C 4 -12.52 4.70 -7.49
N GLY C 5 -11.61 3.74 -7.30
CA GLY C 5 -11.95 2.51 -6.60
C GLY C 5 -12.79 1.54 -7.41
N LEU C 6 -12.99 1.82 -8.70
CA LEU C 6 -13.72 0.93 -9.57
C LEU C 6 -12.75 0.39 -10.62
N ARG C 7 -12.50 -0.91 -10.57
CA ARG C 7 -11.45 -1.51 -11.42
C ARG C 7 -11.97 -1.83 -12.80
N PRO C 8 -11.24 -1.41 -13.84
CA PRO C 8 -11.66 -1.70 -15.22
C PRO C 8 -11.93 -3.17 -15.48
N LEU C 9 -11.12 -4.07 -14.91
CA LEU C 9 -11.26 -5.48 -15.25
C LEU C 9 -12.17 -6.23 -14.29
N PHE C 10 -12.72 -5.53 -13.30
CA PHE C 10 -13.63 -6.17 -12.35
C PHE C 10 -14.94 -5.37 -12.19
N GLU C 11 -14.98 -4.39 -11.31
CA GLU C 11 -16.24 -3.66 -11.10
C GLU C 11 -16.83 -3.08 -12.38
N LYS C 12 -15.97 -2.55 -13.25
CA LYS C 12 -16.46 -1.90 -14.45
C LYS C 12 -17.13 -2.86 -15.41
N LYS C 13 -16.81 -4.15 -15.30
CA LYS C 13 -17.45 -5.12 -16.17
C LYS C 13 -18.28 -6.15 -15.37
N SER C 14 -18.57 -5.80 -14.11
CA SER C 14 -19.31 -6.65 -13.17
C SER C 14 -18.73 -8.07 -13.07
N LEU C 15 -17.40 -8.15 -12.96
CA LEU C 15 -16.73 -9.40 -12.64
C LEU C 15 -16.14 -9.28 -11.25
N GLU C 16 -16.16 -10.37 -10.50
CA GLU C 16 -15.58 -10.36 -9.16
C GLU C 16 -14.25 -11.08 -9.17
N ASP C 17 -13.32 -10.64 -8.32
CA ASP C 17 -12.06 -11.35 -8.22
C ASP C 17 -12.26 -12.55 -7.27
N LYS C 18 -11.25 -13.40 -7.16
CA LYS C 18 -11.43 -14.69 -6.51
C LYS C 18 -11.63 -14.65 -4.99
N THR C 19 -11.27 -13.55 -4.34
CA THR C 19 -11.36 -13.53 -2.88
C THR C 19 -12.07 -12.31 -2.29
N GLU C 20 -12.65 -11.45 -3.12
CA GLU C 20 -13.29 -10.28 -2.54
C GLU C 20 -14.52 -10.66 -1.70
N ARG C 21 -15.13 -11.81 -2.01
CA ARG C 21 -16.25 -12.28 -1.21
C ARG C 21 -15.82 -12.52 0.25
N GLU C 22 -14.56 -12.93 0.45
CA GLU C 22 -14.03 -13.12 1.80
C GLU C 22 -14.13 -11.81 2.58
N LEU C 23 -13.82 -10.70 1.91
CA LEU C 23 -13.93 -9.39 2.54
C LEU C 23 -15.39 -9.10 2.89
N LEU C 24 -16.28 -9.27 1.92
CA LEU C 24 -17.69 -8.95 2.12
C LEU C 24 -18.27 -9.71 3.30
N GLU C 25 -17.91 -10.99 3.38
CA GLU C 25 -18.44 -11.85 4.44
C GLU C 25 -18.00 -11.40 5.83
N SER C 26 -16.89 -10.66 5.91
CA SER C 26 -16.39 -10.17 7.19
C SER C 26 -17.07 -8.87 7.60
N TYR C 27 -17.82 -8.25 6.68
CA TYR C 27 -18.42 -6.96 6.99
C TYR C 27 -19.84 -7.15 7.52
N ILE C 28 -19.95 -7.21 8.84
CA ILE C 28 -21.25 -7.31 9.49
C ILE C 28 -21.95 -5.95 9.53
#